data_7AXN
#
_entry.id   7AXN
#
_cell.length_a   82.027
_cell.length_b   111.940
_cell.length_c   62.470
_cell.angle_alpha   90.000
_cell.angle_beta   90.000
_cell.angle_gamma   90.000
#
_symmetry.space_group_name_H-M   'C 2 2 21'
#
loop_
_entity.id
_entity.type
_entity.pdbx_description
1 polymer '14-3-3 protein sigma'
2 polymer 'Peptidyl-prolyl cis-trans isomerase NIMA-interacting 1'
3 non-polymer 3-chloranyl-4-imidazol-1-yl-benzaldehyde
4 non-polymer 'CALCIUM ION'
5 non-polymer 'CHLORIDE ION'
6 water water
#
loop_
_entity_poly.entity_id
_entity_poly.type
_entity_poly.pdbx_seq_one_letter_code
_entity_poly.pdbx_strand_id
1 'polypeptide(L)'
;GAMGSMERASLIQKAKLAEQAERYEDMAAFMKGAVEKGEELS(CSO)EERNLLSVAYKNVVGGQRAAWRVLSSIEQKSNE
EGSEEKGPEVREYREKVETELQGVCDTVLGLLDSHLIKEAGDAESRVFYLKMKGDYYRYLAEVATGDDKKRIIDSARSAY
QEAMDISKKEMPPTNPIRLGLALNFSVFHYEIANSPEEAISLAKTTFDEAMADLHTLSEDSYKDSTLIMQLLRDNLTLWT
ADNAGEEGGEAPQEPQS
;
A
2 'polypeptide(L)' LVKHSQSRRPS(SEP)WRQEK P
#
# COMPACT_ATOMS: atom_id res chain seq x y z
N GLY A 1 14.17 16.55 13.79
CA GLY A 1 13.01 15.66 13.85
C GLY A 1 13.47 14.24 14.07
N ALA A 2 14.19 14.04 15.18
CA ALA A 2 14.92 12.81 15.47
C ALA A 2 16.02 12.57 14.44
N MET A 3 15.69 12.61 13.14
CA MET A 3 16.70 12.40 12.11
C MET A 3 17.20 13.70 11.51
N GLY A 4 16.79 14.85 12.05
CA GLY A 4 17.15 16.13 11.49
C GLY A 4 18.65 16.39 11.43
N SER A 5 19.42 15.77 12.31
N SER A 5 19.43 15.76 12.30
CA SER A 5 20.85 16.03 12.30
CA SER A 5 20.86 16.02 12.30
C SER A 5 21.64 15.07 11.44
C SER A 5 21.65 15.08 11.43
N MET A 6 21.02 14.07 10.84
CA MET A 6 21.72 13.11 10.01
C MET A 6 21.66 13.50 8.55
N GLU A 7 22.77 13.35 7.85
CA GLU A 7 22.82 13.64 6.41
C GLU A 7 21.81 12.80 5.64
N ARG A 8 21.23 13.41 4.59
CA ARG A 8 20.34 12.65 3.71
C ARG A 8 21.00 11.37 3.23
N ALA A 9 22.25 11.42 2.73
CA ALA A 9 22.82 10.22 2.15
C ALA A 9 23.03 9.14 3.22
N SER A 10 23.34 9.56 4.45
CA SER A 10 23.54 8.61 5.55
C SER A 10 22.21 7.96 5.95
N LEU A 11 21.10 8.72 5.90
CA LEU A 11 19.80 8.13 6.17
C LEU A 11 19.46 7.07 5.11
N ILE A 12 19.74 7.36 3.84
N ILE A 12 19.77 7.33 3.84
CA ILE A 12 19.49 6.41 2.77
CA ILE A 12 19.44 6.34 2.82
C ILE A 12 20.33 5.16 2.96
C ILE A 12 20.34 5.13 2.94
N GLN A 13 21.63 5.35 3.23
CA GLN A 13 22.52 4.21 3.46
C GLN A 13 22.01 3.37 4.63
N LYS A 14 21.62 4.03 5.73
CA LYS A 14 21.12 3.27 6.89
C LYS A 14 19.79 2.61 6.59
N ALA A 15 18.92 3.20 5.77
CA ALA A 15 17.67 2.48 5.42
C ALA A 15 18.01 1.19 4.68
N LYS A 16 19.05 1.21 3.82
CA LYS A 16 19.40 -0.02 3.10
C LYS A 16 19.96 -1.06 4.04
N LEU A 17 20.76 -0.63 5.01
CA LEU A 17 21.29 -1.56 6.03
C LEU A 17 20.15 -2.14 6.88
N ALA A 18 19.20 -1.29 7.28
CA ALA A 18 18.07 -1.75 8.06
C ALA A 18 17.26 -2.77 7.27
N GLU A 19 17.04 -2.55 5.96
CA GLU A 19 16.38 -3.56 5.16
C GLU A 19 17.12 -4.91 5.24
N GLN A 20 18.45 -4.90 5.05
CA GLN A 20 19.21 -6.15 5.07
C GLN A 20 19.09 -6.84 6.43
N ALA A 21 18.95 -6.06 7.50
CA ALA A 21 18.84 -6.59 8.86
C ALA A 21 17.39 -6.90 9.24
N GLU A 22 16.44 -6.64 8.33
CA GLU A 22 15.00 -6.82 8.60
C GLU A 22 14.52 -5.99 9.80
N ARG A 23 15.04 -4.78 9.89
CA ARG A 23 14.70 -3.81 10.94
C ARG A 23 13.82 -2.77 10.26
N TYR A 24 12.57 -3.14 10.01
CA TYR A 24 11.71 -2.30 9.17
C TYR A 24 11.23 -1.04 9.86
N GLU A 25 11.04 -1.07 11.17
N GLU A 25 11.03 -1.08 11.16
CA GLU A 25 10.73 0.15 11.89
CA GLU A 25 10.74 0.13 11.90
C GLU A 25 11.87 1.16 11.77
C GLU A 25 11.86 1.15 11.74
N ASP A 26 13.10 0.71 11.95
CA ASP A 26 14.22 1.61 11.76
C ASP A 26 14.26 2.10 10.32
N MET A 27 14.06 1.18 9.36
CA MET A 27 14.09 1.56 7.95
C MET A 27 13.08 2.67 7.67
N ALA A 28 11.86 2.55 8.22
CA ALA A 28 10.87 3.57 7.97
C ALA A 28 11.25 4.88 8.63
N ALA A 29 11.84 4.85 9.83
CA ALA A 29 12.24 6.09 10.45
C ALA A 29 13.37 6.78 9.67
N PHE A 30 14.32 5.99 9.13
CA PHE A 30 15.36 6.59 8.29
C PHE A 30 14.75 7.22 7.03
N MET A 31 13.84 6.51 6.37
CA MET A 31 13.23 7.06 5.15
C MET A 31 12.34 8.26 5.44
N LYS A 32 11.62 8.28 6.58
CA LYS A 32 10.90 9.50 6.94
C LYS A 32 11.86 10.67 7.09
N GLY A 33 13.00 10.43 7.77
CA GLY A 33 14.01 11.47 7.88
C GLY A 33 14.48 11.94 6.52
N ALA A 34 14.71 11.01 5.60
CA ALA A 34 15.16 11.41 4.26
C ALA A 34 14.09 12.24 3.55
N VAL A 35 12.82 11.84 3.62
CA VAL A 35 11.78 12.64 2.96
C VAL A 35 11.77 14.02 3.56
N GLU A 36 11.90 14.12 4.89
CA GLU A 36 11.80 15.43 5.54
C GLU A 36 12.97 16.35 5.20
N LYS A 37 14.00 15.87 4.51
CA LYS A 37 15.01 16.78 4.03
C LYS A 37 14.45 17.71 2.96
N GLY A 38 13.33 17.37 2.35
CA GLY A 38 12.68 18.30 1.45
C GLY A 38 12.97 18.09 -0.02
N GLU A 39 13.95 17.28 -0.36
N GLU A 39 13.95 17.27 -0.36
CA GLU A 39 14.21 17.01 -1.77
CA GLU A 39 14.27 16.99 -1.75
C GLU A 39 13.32 15.89 -2.28
C GLU A 39 13.39 15.86 -2.29
N GLU A 40 13.11 15.90 -3.58
CA GLU A 40 12.39 14.79 -4.23
C GLU A 40 13.17 13.48 -4.05
N LEU A 41 12.47 12.36 -4.16
CA LEU A 41 13.08 11.04 -4.01
C LEU A 41 13.30 10.44 -5.39
N SER A 42 14.43 9.79 -5.56
CA SER A 42 14.66 9.00 -6.75
C SER A 42 13.83 7.70 -6.79
N GLU A 44 14.80 4.60 -6.70
CA GLU A 44 15.24 3.63 -5.68
C GLU A 44 14.82 4.09 -4.30
N GLU A 45 14.87 5.41 -4.06
CA GLU A 45 14.52 5.92 -2.74
C GLU A 45 13.02 5.76 -2.50
N ARG A 46 12.19 5.95 -3.54
CA ARG A 46 10.73 5.71 -3.38
C ARG A 46 10.50 4.28 -3.03
N ASN A 47 11.22 3.35 -3.66
CA ASN A 47 11.07 1.94 -3.31
C ASN A 47 11.45 1.69 -1.86
N LEU A 48 12.51 2.30 -1.34
CA LEU A 48 12.87 2.07 0.04
C LEU A 48 11.81 2.61 0.98
N LEU A 49 11.22 3.76 0.67
CA LEU A 49 10.16 4.31 1.50
C LEU A 49 8.98 3.34 1.55
N SER A 50 8.56 2.84 0.37
CA SER A 50 7.41 1.96 0.31
C SER A 50 7.67 0.63 0.98
N VAL A 51 8.82 0.01 0.77
CA VAL A 51 9.12 -1.27 1.42
C VAL A 51 9.11 -1.11 2.93
N ALA A 52 9.66 -0.02 3.44
CA ALA A 52 9.79 0.16 4.88
C ALA A 52 8.41 0.21 5.50
N TYR A 53 7.57 1.13 5.00
CA TYR A 53 6.24 1.30 5.61
C TYR A 53 5.33 0.12 5.31
N LYS A 54 5.48 -0.56 4.17
CA LYS A 54 4.56 -1.65 3.93
C LYS A 54 4.86 -2.78 4.89
N ASN A 55 6.12 -2.97 5.26
CA ASN A 55 6.46 -4.02 6.21
C ASN A 55 6.02 -3.64 7.61
N VAL A 56 6.16 -2.37 8.00
CA VAL A 56 5.70 -1.99 9.34
C VAL A 56 4.19 -2.16 9.42
N VAL A 57 3.46 -1.59 8.46
N VAL A 57 3.45 -1.55 8.49
CA VAL A 57 2.00 -1.66 8.55
CA VAL A 57 1.98 -1.68 8.57
C VAL A 57 1.51 -3.06 8.28
C VAL A 57 1.57 -3.12 8.38
N GLY A 58 2.27 -3.87 7.52
CA GLY A 58 1.87 -5.25 7.29
C GLY A 58 1.89 -6.08 8.54
N GLY A 59 2.91 -5.88 9.40
CA GLY A 59 2.93 -6.57 10.68
C GLY A 59 1.78 -6.10 11.55
N GLN A 60 1.47 -4.80 11.53
CA GLN A 60 0.37 -4.30 12.33
C GLN A 60 -0.97 -4.89 11.86
N ARG A 61 -1.17 -4.93 10.55
CA ARG A 61 -2.43 -5.46 10.02
C ARG A 61 -2.57 -6.93 10.37
N ALA A 62 -1.50 -7.70 10.26
CA ALA A 62 -1.58 -9.11 10.61
C ALA A 62 -1.94 -9.27 12.08
N ALA A 63 -1.36 -8.44 12.95
CA ALA A 63 -1.68 -8.53 14.38
C ALA A 63 -3.11 -8.11 14.66
N TRP A 64 -3.56 -7.02 14.02
CA TRP A 64 -4.96 -6.59 14.14
C TRP A 64 -5.92 -7.67 13.70
N ARG A 65 -5.57 -8.44 12.67
CA ARG A 65 -6.51 -9.46 12.20
C ARG A 65 -6.60 -10.59 13.19
N VAL A 66 -5.48 -10.98 13.79
CA VAL A 66 -5.49 -12.03 14.83
C VAL A 66 -6.36 -11.57 16.00
N LEU A 67 -6.15 -10.35 16.46
CA LEU A 67 -6.87 -9.82 17.61
C LEU A 67 -8.35 -9.63 17.31
N SER A 68 -8.67 -9.09 16.13
N SER A 68 -8.68 -9.10 16.13
CA SER A 68 -10.06 -8.90 15.73
CA SER A 68 -10.07 -8.92 15.76
C SER A 68 -10.79 -10.23 15.70
C SER A 68 -10.80 -10.25 15.72
N SER A 69 -10.15 -11.28 15.23
CA SER A 69 -10.77 -12.60 15.19
C SER A 69 -11.01 -13.11 16.59
N ILE A 70 -10.09 -12.89 17.51
CA ILE A 70 -10.32 -13.34 18.89
C ILE A 70 -11.47 -12.55 19.51
N GLU A 71 -11.55 -11.26 19.23
CA GLU A 71 -12.58 -10.40 19.81
C GLU A 71 -13.94 -10.81 19.28
N GLN A 72 -14.01 -11.17 18.01
CA GLN A 72 -15.30 -11.57 17.45
C GLN A 72 -15.77 -12.90 18.04
N LYS A 73 -14.86 -13.86 18.18
CA LYS A 73 -15.20 -15.11 18.84
C LYS A 73 -15.62 -14.88 20.31
N SER A 74 -14.98 -13.94 20.99
CA SER A 74 -15.41 -13.57 22.35
C SER A 74 -16.81 -12.99 22.37
N ASN A 75 -17.29 -12.47 21.25
CA ASN A 75 -18.61 -11.85 21.17
C ASN A 75 -19.67 -12.78 20.59
N GLU A 76 -19.37 -14.06 20.44
CA GLU A 76 -20.33 -15.03 19.90
C GLU A 76 -21.30 -15.52 20.98
N SER A 79 -20.27 -17.39 24.61
CA SER A 79 -18.88 -17.15 24.97
C SER A 79 -18.76 -16.56 26.38
N GLU A 80 -17.76 -16.99 27.13
CA GLU A 80 -17.51 -16.45 28.47
C GLU A 80 -16.87 -15.08 28.34
N GLU A 81 -17.36 -14.11 29.12
CA GLU A 81 -16.92 -12.72 29.02
C GLU A 81 -15.55 -12.59 29.66
N LYS A 82 -14.53 -12.31 28.84
CA LYS A 82 -13.17 -12.23 29.34
C LYS A 82 -12.81 -10.84 29.88
N GLY A 83 -13.76 -9.91 29.90
CA GLY A 83 -13.48 -8.55 30.29
C GLY A 83 -13.03 -7.72 29.11
N PRO A 84 -12.55 -6.51 29.37
CA PRO A 84 -12.27 -5.56 28.30
C PRO A 84 -10.91 -5.78 27.61
N GLU A 85 -10.10 -6.76 27.99
CA GLU A 85 -8.69 -6.77 27.57
C GLU A 85 -8.55 -7.02 26.07
N VAL A 86 -9.34 -7.92 25.47
CA VAL A 86 -9.13 -8.21 24.05
C VAL A 86 -9.47 -6.98 23.23
N ARG A 87 -10.60 -6.34 23.53
CA ARG A 87 -10.95 -5.09 22.85
C ARG A 87 -9.90 -4.02 23.10
N GLU A 88 -9.45 -3.86 24.35
CA GLU A 88 -8.47 -2.81 24.64
C GLU A 88 -7.19 -3.03 23.83
N TYR A 89 -6.74 -4.28 23.75
CA TYR A 89 -5.46 -4.52 23.07
C TYR A 89 -5.64 -4.42 21.55
N ARG A 90 -6.78 -4.88 21.02
CA ARG A 90 -7.06 -4.65 19.61
C ARG A 90 -7.08 -3.16 19.32
N GLU A 91 -7.67 -2.36 20.21
N GLU A 91 -7.68 -2.36 20.22
CA GLU A 91 -7.70 -0.91 20.03
CA GLU A 91 -7.69 -0.91 20.03
C GLU A 91 -6.31 -0.31 20.10
C GLU A 91 -6.29 -0.33 20.07
N LYS A 92 -5.44 -0.86 20.94
CA LYS A 92 -4.07 -0.35 21.01
C LYS A 92 -3.37 -0.56 19.69
N VAL A 93 -3.43 -1.78 19.16
CA VAL A 93 -2.78 -2.08 17.90
C VAL A 93 -3.42 -1.25 16.80
N GLU A 94 -4.74 -1.09 16.81
CA GLU A 94 -5.40 -0.29 15.80
C GLU A 94 -4.95 1.16 15.81
N THR A 95 -4.80 1.75 17.00
CA THR A 95 -4.40 3.15 17.08
C THR A 95 -2.95 3.30 16.58
N GLU A 96 -2.10 2.32 16.84
N GLU A 96 -2.09 2.33 16.89
CA GLU A 96 -0.71 2.38 16.35
CA GLU A 96 -0.73 2.35 16.38
C GLU A 96 -0.62 2.17 14.84
C GLU A 96 -0.74 2.32 14.86
N LEU A 97 -1.52 1.35 14.29
CA LEU A 97 -1.63 1.23 12.84
C LEU A 97 -2.13 2.53 12.23
N GLN A 98 -3.18 3.13 12.78
CA GLN A 98 -3.68 4.40 12.27
C GLN A 98 -2.59 5.46 12.32
N GLY A 99 -1.78 5.47 13.37
CA GLY A 99 -0.73 6.46 13.44
C GLY A 99 0.32 6.29 12.37
N VAL A 100 0.67 5.06 12.04
CA VAL A 100 1.63 4.83 10.96
C VAL A 100 1.01 5.25 9.62
N CYS A 101 -0.27 4.91 9.36
CA CYS A 101 -0.90 5.34 8.13
C CYS A 101 -0.96 6.86 8.04
N ASP A 102 -1.32 7.55 9.15
CA ASP A 102 -1.34 9.01 9.15
C ASP A 102 0.04 9.59 8.88
N THR A 103 1.08 8.93 9.41
CA THR A 103 2.43 9.45 9.15
C THR A 103 2.76 9.36 7.67
N VAL A 104 2.48 8.22 7.05
CA VAL A 104 2.79 8.07 5.62
C VAL A 104 1.97 9.06 4.82
N LEU A 105 0.64 9.14 5.11
CA LEU A 105 -0.17 10.08 4.37
C LEU A 105 0.31 11.50 4.53
N GLY A 106 0.83 11.80 5.73
CA GLY A 106 1.35 13.15 5.94
C GLY A 106 2.60 13.43 5.12
N LEU A 107 3.48 12.44 4.96
CA LEU A 107 4.65 12.64 4.09
C LEU A 107 4.19 12.85 2.65
N LEU A 108 3.22 12.05 2.21
CA LEU A 108 2.74 12.23 0.83
C LEU A 108 2.12 13.62 0.63
N ASP A 109 1.40 14.14 1.64
CA ASP A 109 0.76 15.45 1.51
C ASP A 109 1.71 16.60 1.81
N SER A 110 2.82 16.33 2.44
CA SER A 110 3.77 17.41 2.82
C SER A 110 5.18 16.89 2.59
N HIS A 111 5.67 16.88 1.35
CA HIS A 111 5.07 17.50 0.16
C HIS A 111 5.36 16.65 -1.05
N LEU A 112 5.38 15.32 -0.86
CA LEU A 112 5.84 14.46 -1.96
C LEU A 112 4.95 14.52 -3.20
N ILE A 113 3.64 14.45 -3.03
CA ILE A 113 2.76 14.43 -4.20
C ILE A 113 2.82 15.74 -4.95
N LYS A 114 2.78 16.89 -4.23
CA LYS A 114 2.70 18.14 -4.97
C LYS A 114 3.95 18.43 -5.76
N GLU A 115 5.10 17.85 -5.38
CA GLU A 115 6.30 18.08 -6.17
C GLU A 115 6.52 17.02 -7.24
N ALA A 116 5.67 15.99 -7.30
CA ALA A 116 5.90 14.87 -8.21
C ALA A 116 5.21 15.15 -9.55
N GLY A 117 6.02 15.44 -10.56
CA GLY A 117 5.55 15.82 -11.90
C GLY A 117 5.69 14.73 -12.94
N ASP A 118 6.65 13.88 -12.79
CA ASP A 118 6.79 12.79 -13.74
C ASP A 118 5.77 11.69 -13.43
N ALA A 119 5.30 11.02 -14.47
CA ALA A 119 4.23 10.05 -14.24
C ALA A 119 4.68 8.95 -13.27
N GLU A 120 5.92 8.49 -13.39
CA GLU A 120 6.35 7.39 -12.54
C GLU A 120 6.32 7.80 -11.07
N SER A 121 6.74 9.01 -10.72
CA SER A 121 6.72 9.37 -9.31
C SER A 121 5.31 9.67 -8.86
N ARG A 122 4.55 10.41 -9.65
CA ARG A 122 3.21 10.81 -9.21
C ARG A 122 2.30 9.61 -9.08
N VAL A 123 2.34 8.68 -10.02
CA VAL A 123 1.53 7.45 -9.89
C VAL A 123 1.98 6.66 -8.67
N PHE A 124 3.31 6.53 -8.43
CA PHE A 124 3.78 5.78 -7.29
C PHE A 124 3.21 6.35 -5.99
N TYR A 125 3.26 7.67 -5.83
CA TYR A 125 2.79 8.28 -4.59
C TYR A 125 1.29 8.21 -4.45
N LEU A 126 0.55 8.39 -5.55
CA LEU A 126 -0.91 8.29 -5.45
C LEU A 126 -1.33 6.86 -5.16
N LYS A 127 -0.63 5.87 -5.69
CA LYS A 127 -0.89 4.48 -5.31
C LYS A 127 -0.67 4.30 -3.81
N MET A 128 0.44 4.82 -3.27
CA MET A 128 0.65 4.73 -1.82
C MET A 128 -0.47 5.40 -1.06
N LYS A 129 -0.92 6.56 -1.53
CA LYS A 129 -2.03 7.25 -0.84
C LYS A 129 -3.27 6.37 -0.82
N GLY A 130 -3.59 5.74 -1.95
CA GLY A 130 -4.73 4.80 -1.98
C GLY A 130 -4.53 3.65 -1.01
N ASP A 131 -3.32 3.08 -0.99
CA ASP A 131 -3.03 1.94 -0.12
C ASP A 131 -3.21 2.29 1.35
N TYR A 132 -2.68 3.46 1.78
CA TYR A 132 -2.73 3.74 3.22
C TYR A 132 -4.13 4.19 3.64
N TYR A 133 -4.92 4.81 2.75
CA TYR A 133 -6.34 4.98 3.09
C TYR A 133 -7.05 3.65 3.08
N ARG A 134 -6.63 2.69 2.24
CA ARG A 134 -7.24 1.37 2.26
C ARG A 134 -6.97 0.70 3.60
N TYR A 135 -5.73 0.81 4.12
CA TYR A 135 -5.45 0.20 5.42
C TYR A 135 -6.24 0.90 6.52
N LEU A 136 -6.40 2.24 6.44
CA LEU A 136 -7.33 2.89 7.37
C LEU A 136 -8.76 2.34 7.24
N ALA A 137 -9.20 2.10 6.00
CA ALA A 137 -10.59 1.63 5.81
C ALA A 137 -10.79 0.23 6.38
N GLU A 138 -9.75 -0.60 6.40
CA GLU A 138 -9.87 -1.96 6.89
C GLU A 138 -10.26 -1.99 8.35
N VAL A 139 -9.92 -0.94 9.11
CA VAL A 139 -10.20 -0.89 10.56
C VAL A 139 -11.27 0.12 10.89
N ALA A 140 -11.78 0.85 9.92
CA ALA A 140 -12.71 1.95 10.16
C ALA A 140 -14.12 1.45 10.41
N THR A 141 -14.77 2.09 11.40
CA THR A 141 -16.15 1.80 11.79
C THR A 141 -17.04 3.00 12.08
N GLY A 142 -16.54 4.23 12.11
CA GLY A 142 -17.30 5.37 12.62
C GLY A 142 -17.84 6.30 11.54
N ASP A 143 -18.03 7.58 11.93
CA ASP A 143 -18.72 8.56 11.10
C ASP A 143 -17.98 8.84 9.80
N ASP A 144 -16.67 8.63 9.78
N ASP A 144 -16.67 8.63 9.78
CA ASP A 144 -15.82 8.99 8.66
CA ASP A 144 -15.83 8.99 8.66
C ASP A 144 -15.48 7.81 7.75
C ASP A 144 -15.50 7.82 7.74
N LYS A 145 -16.04 6.63 8.00
CA LYS A 145 -15.66 5.43 7.23
C LYS A 145 -15.90 5.63 5.72
N LYS A 146 -17.08 6.13 5.35
CA LYS A 146 -17.32 6.35 3.92
C LYS A 146 -16.32 7.33 3.36
N ARG A 147 -15.95 8.37 4.12
CA ARG A 147 -15.02 9.35 3.59
C ARG A 147 -13.63 8.72 3.45
N ILE A 148 -13.24 7.83 4.37
CA ILE A 148 -11.92 7.17 4.23
C ILE A 148 -11.91 6.32 2.95
N ILE A 149 -12.99 5.59 2.69
CA ILE A 149 -13.07 4.76 1.51
C ILE A 149 -13.05 5.63 0.26
N ASP A 150 -13.74 6.78 0.28
CA ASP A 150 -13.69 7.62 -0.90
C ASP A 150 -12.32 8.22 -1.13
N SER A 151 -11.60 8.52 -0.04
CA SER A 151 -10.26 9.06 -0.19
C SER A 151 -9.35 8.02 -0.84
N ALA A 152 -9.49 6.74 -0.47
CA ALA A 152 -8.71 5.70 -1.16
C ALA A 152 -9.10 5.64 -2.62
N ARG A 153 -10.40 5.60 -2.89
N ARG A 153 -10.40 5.60 -2.90
CA ARG A 153 -10.87 5.49 -4.28
CA ARG A 153 -10.86 5.49 -4.28
C ARG A 153 -10.35 6.64 -5.12
C ARG A 153 -10.34 6.65 -5.13
N SER A 154 -10.42 7.86 -4.59
CA SER A 154 -10.04 9.03 -5.34
C SER A 154 -8.55 9.02 -5.66
N ALA A 155 -7.72 8.62 -4.69
CA ALA A 155 -6.28 8.55 -4.97
C ALA A 155 -5.95 7.47 -6.03
N TYR A 156 -6.56 6.28 -5.86
CA TYR A 156 -6.35 5.23 -6.87
C TYR A 156 -6.84 5.67 -8.24
N GLN A 157 -7.98 6.36 -8.31
CA GLN A 157 -8.51 6.75 -9.60
C GLN A 157 -7.62 7.77 -10.28
N GLU A 158 -7.12 8.76 -9.53
CA GLU A 158 -6.19 9.71 -10.17
C GLU A 158 -4.95 8.98 -10.68
N ALA A 159 -4.39 8.06 -9.88
CA ALA A 159 -3.23 7.31 -10.32
C ALA A 159 -3.55 6.48 -11.56
N MET A 160 -4.73 5.83 -11.61
N MET A 160 -4.73 5.85 -11.60
CA MET A 160 -5.11 5.07 -12.81
CA MET A 160 -5.13 5.08 -12.76
C MET A 160 -5.18 5.99 -14.01
C MET A 160 -5.22 5.97 -13.99
N ASP A 161 -5.79 7.15 -13.85
CA ASP A 161 -5.97 8.01 -15.02
C ASP A 161 -4.61 8.42 -15.57
N ILE A 162 -3.67 8.79 -14.68
CA ILE A 162 -2.35 9.17 -15.20
C ILE A 162 -1.67 7.97 -15.81
N SER A 163 -1.76 6.79 -15.16
CA SER A 163 -1.02 5.60 -15.63
C SER A 163 -1.51 5.20 -17.02
N LYS A 164 -2.81 5.32 -17.28
CA LYS A 164 -3.29 4.90 -18.59
C LYS A 164 -2.87 5.86 -19.67
N LYS A 165 -2.68 7.12 -19.34
CA LYS A 165 -2.25 8.09 -20.35
C LYS A 165 -0.76 8.09 -20.56
N GLU A 166 0.06 7.81 -19.50
CA GLU A 166 1.49 8.05 -19.56
C GLU A 166 2.37 6.82 -19.51
N MET A 167 1.85 5.64 -19.19
CA MET A 167 2.70 4.48 -19.02
C MET A 167 2.19 3.33 -19.86
N PRO A 168 3.09 2.45 -20.32
CA PRO A 168 2.63 1.28 -21.05
C PRO A 168 1.90 0.32 -20.13
N PRO A 169 1.09 -0.58 -20.71
CA PRO A 169 0.27 -1.46 -19.89
C PRO A 169 1.08 -2.48 -19.14
N THR A 170 2.36 -2.68 -19.47
CA THR A 170 3.20 -3.55 -18.70
C THR A 170 4.02 -2.86 -17.62
N ASN A 171 3.95 -1.54 -17.51
CA ASN A 171 4.79 -0.88 -16.51
C ASN A 171 4.52 -1.48 -15.11
N PRO A 172 5.55 -1.88 -14.35
CA PRO A 172 5.28 -2.54 -13.06
C PRO A 172 4.47 -1.69 -12.07
N ILE A 173 4.68 -0.37 -12.05
CA ILE A 173 3.91 0.48 -11.14
C ILE A 173 2.45 0.51 -11.57
N ARG A 174 2.20 0.64 -12.87
CA ARG A 174 0.84 0.57 -13.40
C ARG A 174 0.17 -0.75 -13.06
N LEU A 175 0.93 -1.86 -13.16
CA LEU A 175 0.38 -3.17 -12.82
C LEU A 175 0.07 -3.28 -11.34
N GLY A 176 1.03 -2.88 -10.48
CA GLY A 176 0.80 -2.97 -9.04
C GLY A 176 -0.36 -2.08 -8.60
N LEU A 177 -0.46 -0.89 -9.19
CA LEU A 177 -1.59 -0.01 -8.91
C LEU A 177 -2.91 -0.70 -9.25
N ALA A 178 -2.99 -1.29 -10.43
CA ALA A 178 -4.25 -1.93 -10.84
C ALA A 178 -4.56 -3.13 -9.94
N LEU A 179 -3.53 -3.93 -9.62
CA LEU A 179 -3.71 -5.02 -8.65
C LEU A 179 -4.30 -4.52 -7.35
N ASN A 180 -3.72 -3.44 -6.79
CA ASN A 180 -4.19 -2.97 -5.48
C ASN A 180 -5.56 -2.31 -5.55
N PHE A 181 -5.85 -1.57 -6.64
CA PHE A 181 -7.18 -0.99 -6.79
C PHE A 181 -8.21 -2.10 -6.94
N SER A 182 -7.84 -3.19 -7.63
N SER A 182 -7.82 -3.21 -7.60
CA SER A 182 -8.77 -4.32 -7.71
CA SER A 182 -8.75 -4.33 -7.71
C SER A 182 -9.04 -4.89 -6.33
C SER A 182 -9.00 -4.99 -6.36
N VAL A 183 -8.00 -5.05 -5.51
CA VAL A 183 -8.19 -5.51 -4.12
C VAL A 183 -9.08 -4.55 -3.33
N PHE A 184 -8.87 -3.25 -3.50
CA PHE A 184 -9.77 -2.26 -2.92
C PHE A 184 -11.22 -2.53 -3.31
N HIS A 185 -11.48 -2.73 -4.61
CA HIS A 185 -12.85 -2.97 -5.03
C HIS A 185 -13.42 -4.21 -4.37
N TYR A 186 -12.64 -5.29 -4.32
CA TYR A 186 -13.16 -6.56 -3.83
C TYR A 186 -13.39 -6.51 -2.32
N GLU A 187 -12.40 -6.01 -1.58
N GLU A 187 -12.39 -6.05 -1.57
CA GLU A 187 -12.33 -6.19 -0.14
CA GLU A 187 -12.35 -6.17 -0.10
C GLU A 187 -12.83 -4.99 0.66
C GLU A 187 -13.04 -4.99 0.59
N ILE A 188 -12.88 -3.80 0.05
CA ILE A 188 -13.28 -2.56 0.74
C ILE A 188 -14.59 -2.01 0.20
N ALA A 189 -14.71 -1.88 -1.14
CA ALA A 189 -15.87 -1.24 -1.76
C ALA A 189 -17.01 -2.21 -2.05
N ASN A 190 -16.88 -3.48 -1.70
N ASN A 190 -16.91 -3.47 -1.67
CA ASN A 190 -17.96 -4.45 -1.90
CA ASN A 190 -17.98 -4.43 -1.95
C ASN A 190 -18.34 -4.60 -3.36
C ASN A 190 -18.38 -4.34 -3.42
N SER A 191 -17.36 -4.40 -4.27
CA SER A 191 -17.57 -4.37 -5.73
C SER A 191 -16.77 -5.50 -6.37
N PRO A 192 -17.10 -6.77 -6.09
CA PRO A 192 -16.28 -7.87 -6.64
C PRO A 192 -16.31 -7.89 -8.16
N GLU A 193 -17.42 -7.54 -8.79
CA GLU A 193 -17.39 -7.56 -10.25
C GLU A 193 -16.42 -6.53 -10.81
N GLU A 194 -16.35 -5.33 -10.22
CA GLU A 194 -15.40 -4.31 -10.65
C GLU A 194 -13.97 -4.81 -10.45
N ALA A 195 -13.71 -5.48 -9.33
CA ALA A 195 -12.39 -6.05 -9.05
C ALA A 195 -11.99 -7.06 -10.12
N ILE A 196 -12.89 -7.97 -10.46
CA ILE A 196 -12.61 -9.01 -11.44
C ILE A 196 -12.40 -8.39 -12.82
N SER A 197 -13.25 -7.43 -13.22
N SER A 197 -13.27 -7.45 -13.22
CA SER A 197 -13.12 -6.78 -14.53
CA SER A 197 -13.13 -6.80 -14.51
C SER A 197 -11.83 -5.98 -14.64
C SER A 197 -11.79 -6.10 -14.60
N LEU A 198 -11.45 -5.30 -13.56
CA LEU A 198 -10.16 -4.59 -13.61
C LEU A 198 -9.01 -5.55 -13.69
N ALA A 199 -9.01 -6.61 -12.89
CA ALA A 199 -7.89 -7.55 -12.95
C ALA A 199 -7.77 -8.19 -14.34
N LYS A 200 -8.90 -8.59 -14.93
CA LYS A 200 -8.86 -9.25 -16.25
C LYS A 200 -8.36 -8.29 -17.31
N THR A 201 -8.93 -7.09 -17.39
CA THR A 201 -8.52 -6.14 -18.41
C THR A 201 -7.05 -5.77 -18.24
N THR A 202 -6.59 -5.60 -16.99
CA THR A 202 -5.18 -5.26 -16.78
C THR A 202 -4.30 -6.40 -17.26
N PHE A 203 -4.65 -7.63 -16.90
CA PHE A 203 -3.84 -8.80 -17.31
C PHE A 203 -3.79 -8.89 -18.83
N ASP A 204 -4.92 -8.76 -19.49
CA ASP A 204 -4.96 -8.95 -20.94
C ASP A 204 -4.21 -7.86 -21.68
N GLU A 205 -4.32 -6.61 -21.23
CA GLU A 205 -3.62 -5.55 -21.91
C GLU A 205 -2.13 -5.66 -21.67
N ALA A 206 -1.72 -6.17 -20.51
CA ALA A 206 -0.30 -6.38 -20.30
C ALA A 206 0.22 -7.51 -21.18
N MET A 207 -0.54 -8.60 -21.27
N MET A 207 -0.52 -8.62 -21.25
CA MET A 207 -0.08 -9.72 -22.08
CA MET A 207 -0.16 -9.74 -22.13
C MET A 207 0.17 -9.31 -23.52
C MET A 207 0.20 -9.25 -23.51
N ALA A 208 -0.67 -8.42 -24.06
CA ALA A 208 -0.53 -7.94 -25.42
C ALA A 208 0.64 -7.03 -25.62
N ASP A 209 1.28 -6.53 -24.56
CA ASP A 209 2.39 -5.60 -24.69
C ASP A 209 3.71 -6.26 -24.25
N LEU A 210 3.69 -7.53 -23.82
CA LEU A 210 4.94 -8.18 -23.39
C LEU A 210 5.95 -8.26 -24.54
N HIS A 211 5.50 -8.33 -25.79
CA HIS A 211 6.40 -8.54 -26.94
C HIS A 211 7.35 -7.38 -27.11
N THR A 212 7.07 -6.24 -26.49
CA THR A 212 7.91 -5.05 -26.63
C THR A 212 9.07 -5.04 -25.65
N LEU A 213 9.12 -5.95 -24.69
CA LEU A 213 9.98 -5.88 -23.53
C LEU A 213 11.26 -6.68 -23.70
N SER A 214 12.29 -6.21 -23.01
CA SER A 214 13.49 -7.01 -22.79
C SER A 214 13.21 -8.18 -21.84
N GLU A 215 14.17 -9.11 -21.73
CA GLU A 215 14.00 -10.25 -20.84
C GLU A 215 13.81 -9.80 -19.39
N ASP A 216 14.58 -8.79 -18.94
CA ASP A 216 14.45 -8.41 -17.54
C ASP A 216 13.13 -7.68 -17.30
N SER A 217 12.70 -6.81 -18.23
CA SER A 217 11.40 -6.15 -18.06
C SER A 217 10.26 -7.16 -18.14
N TYR A 218 10.40 -8.17 -19.00
CA TYR A 218 9.41 -9.24 -19.08
C TYR A 218 9.25 -9.94 -17.75
N LYS A 219 10.38 -10.24 -17.08
CA LYS A 219 10.30 -10.89 -15.80
C LYS A 219 9.59 -9.99 -14.79
N ASP A 220 9.93 -8.70 -14.77
CA ASP A 220 9.27 -7.79 -13.82
C ASP A 220 7.75 -7.79 -14.04
N SER A 221 7.32 -7.64 -15.29
CA SER A 221 5.88 -7.52 -15.56
C SER A 221 5.15 -8.81 -15.32
N THR A 222 5.73 -9.96 -15.75
CA THR A 222 5.02 -11.20 -15.59
C THR A 222 4.88 -11.60 -14.13
N LEU A 223 5.81 -11.16 -13.27
CA LEU A 223 5.64 -11.51 -11.86
C LEU A 223 4.37 -10.88 -11.30
N ILE A 224 4.09 -9.64 -11.68
CA ILE A 224 2.90 -8.96 -11.15
C ILE A 224 1.65 -9.47 -11.83
N MET A 225 1.77 -9.79 -13.13
CA MET A 225 0.63 -10.41 -13.79
C MET A 225 0.19 -11.69 -13.10
N GLN A 226 1.14 -12.45 -12.56
CA GLN A 226 0.79 -13.68 -11.86
C GLN A 226 -0.04 -13.40 -10.62
N LEU A 227 0.24 -12.30 -9.94
CA LEU A 227 -0.59 -11.91 -8.79
C LEU A 227 -2.02 -11.59 -9.22
N LEU A 228 -2.19 -10.86 -10.36
CA LEU A 228 -3.53 -10.64 -10.90
C LEU A 228 -4.22 -11.97 -11.17
N ARG A 229 -3.49 -12.92 -11.80
N ARG A 229 -3.50 -12.93 -11.79
CA ARG A 229 -4.05 -14.24 -12.10
CA ARG A 229 -4.12 -14.21 -12.11
C ARG A 229 -4.44 -14.96 -10.82
C ARG A 229 -4.43 -15.00 -10.84
N ASP A 230 -3.59 -14.90 -9.80
CA ASP A 230 -3.88 -15.58 -8.55
C ASP A 230 -5.16 -15.04 -7.94
N ASN A 231 -5.38 -13.72 -8.01
CA ASN A 231 -6.63 -13.20 -7.49
C ASN A 231 -7.81 -13.65 -8.34
N LEU A 232 -7.68 -13.60 -9.66
CA LEU A 232 -8.78 -14.06 -10.49
C LEU A 232 -9.14 -15.50 -10.19
N THR A 233 -8.14 -16.37 -9.95
CA THR A 233 -8.42 -17.76 -9.57
C THR A 233 -9.14 -17.85 -8.22
N LEU A 234 -8.74 -17.02 -7.26
CA LEU A 234 -9.43 -16.98 -5.97
C LEU A 234 -10.88 -16.48 -6.10
N TRP A 235 -11.15 -15.55 -7.02
CA TRP A 235 -12.44 -14.84 -7.07
C TRP A 235 -13.43 -15.44 -8.04
N THR A 236 -12.99 -16.36 -8.90
CA THR A 236 -13.84 -16.92 -9.95
C THR A 236 -13.72 -18.42 -10.01
N ARG B 8 -7.93 -17.18 1.41
CA ARG B 8 -9.14 -16.37 1.15
C ARG B 8 -8.84 -14.87 0.99
N ARG B 9 -7.83 -14.36 1.71
CA ARG B 9 -7.41 -12.98 1.48
C ARG B 9 -6.64 -12.89 0.16
N PRO B 10 -6.90 -11.88 -0.65
CA PRO B 10 -6.22 -11.78 -1.95
C PRO B 10 -4.86 -11.12 -1.85
N SER B 11 -4.11 -11.22 -2.95
CA SER B 11 -2.78 -10.69 -3.03
C SER B 11 -2.78 -9.25 -3.43
N TRP B 13 0.04 -5.92 -4.03
CA TRP B 13 1.39 -5.93 -4.52
C TRP B 13 2.35 -6.24 -3.39
N ARG B 14 3.35 -7.07 -3.68
CA ARG B 14 4.38 -7.43 -2.73
C ARG B 14 5.69 -7.67 -3.48
N GLN B 15 6.79 -7.62 -2.73
CA GLN B 15 8.11 -7.84 -3.31
C GLN B 15 8.34 -9.30 -3.68
N GLU B 16 9.08 -9.49 -4.78
CA GLU B 16 9.49 -10.82 -5.25
C GLU B 16 10.16 -11.69 -4.19
#